data_8Z57
#
_entry.id   8Z57
#
_cell.length_a   46.084
_cell.length_b   73.043
_cell.length_c   162.457
_cell.angle_alpha   90.00
_cell.angle_beta   90.00
_cell.angle_gamma   90.00
#
_symmetry.space_group_name_H-M   'C 2 2 21'
#
loop_
_entity.id
_entity.type
_entity.pdbx_description
1 polymer 'NAD-dependent protein deacylase sirtuin-5, mitochondrial'
2 polymer 'Peroxiredoxin-1 fragment'
3 non-polymer 'ZINC ION'
4 non-polymer "ADENOSINE-5'-DIPHOSPHATE"
5 water water
#
loop_
_entity_poly.entity_id
_entity_poly.type
_entity_poly.pdbx_seq_one_letter_code
_entity_poly.pdbx_strand_id
1 'polypeptide(L)'
;MHHHHHHPSSSMADFRKFFAKAKHIVIISGAGVSAESGVPTFRGAGGYWRKWQAQDLATPLAFAHNPSRVWEFYHYRREV
MGSKEPNAGHRAIAECETRLGKQGRRVVVITLNIDELHRKAGTKNLLEIHGSLFKTRCTSCGVVAENYKSPICPALSGKG
APEPGTQDASIPVEKLPRCEEAGCGGLLRPHVVWFGENLDPAILEEVDRELAHCDLCLVVGTSSVVYPAAMFAPQVAARG
VPVAEFNTETTPATNRFRFHFQGPCGTTLPEALA
;
A
2 'polypeptide(L)' SKEYFS(SLL)QK B
#
# COMPACT_ATOMS: atom_id res chain seq x y z
N PRO A 8 -18.05 18.67 0.12
CA PRO A 8 -16.73 19.16 0.52
C PRO A 8 -16.19 20.23 -0.44
N SER A 9 -15.27 21.07 0.04
CA SER A 9 -14.79 22.19 -0.75
C SER A 9 -13.94 21.72 -1.93
N SER A 10 -14.02 22.47 -3.03
CA SER A 10 -13.31 22.18 -4.26
C SER A 10 -12.23 23.22 -4.57
N SER A 11 -11.82 24.00 -3.56
CA SER A 11 -11.00 25.18 -3.76
C SER A 11 -9.52 24.85 -3.56
N MET A 12 -8.80 24.70 -4.68
CA MET A 12 -7.35 24.55 -4.58
C MET A 12 -6.74 25.72 -3.81
N ALA A 13 -7.20 26.95 -4.09
CA ALA A 13 -6.75 28.14 -3.38
C ALA A 13 -6.76 27.96 -1.87
N ASP A 14 -7.90 27.50 -1.33
CA ASP A 14 -8.02 27.39 0.13
C ASP A 14 -7.13 26.29 0.68
N PHE A 15 -7.06 25.15 0.01
CA PHE A 15 -6.13 24.12 0.46
C PHE A 15 -4.71 24.67 0.56
N ARG A 16 -4.30 25.47 -0.42
CA ARG A 16 -2.91 25.94 -0.46
C ARG A 16 -2.61 26.81 0.74
N LYS A 17 -3.58 27.62 1.17
CA LYS A 17 -3.42 28.42 2.37
C LYS A 17 -3.17 27.56 3.59
N PHE A 18 -3.90 26.44 3.73
CA PHE A 18 -3.60 25.50 4.79
C PHE A 18 -2.23 24.85 4.58
N PHE A 19 -1.97 24.39 3.36
CA PHE A 19 -0.71 23.71 3.06
C PHE A 19 0.48 24.61 3.38
N ALA A 20 0.41 25.87 2.97
CA ALA A 20 1.54 26.79 3.16
C ALA A 20 1.93 26.91 4.63
N LYS A 21 0.99 26.69 5.55
CA LYS A 21 1.26 26.83 6.98
C LYS A 21 1.50 25.52 7.71
N ALA A 22 1.27 24.37 7.08
CA ALA A 22 1.26 23.10 7.80
C ALA A 22 2.66 22.69 8.26
N LYS A 23 2.75 22.22 9.50
CA LYS A 23 4.03 21.78 10.04
C LYS A 23 4.17 20.26 10.13
N HIS A 24 3.07 19.53 10.05
CA HIS A 24 3.08 18.07 10.22
C HIS A 24 1.95 17.54 9.35
N ILE A 25 2.29 17.07 8.16
CA ILE A 25 1.32 16.62 7.16
C ILE A 25 1.34 15.11 7.13
N VAL A 26 0.15 14.50 7.19
CA VAL A 26 -0.03 13.06 7.03
C VAL A 26 -0.71 12.82 5.68
N ILE A 27 -0.14 11.91 4.89
CA ILE A 27 -0.66 11.57 3.57
C ILE A 27 -0.99 10.08 3.59
N ILE A 28 -2.28 9.77 3.49
CA ILE A 28 -2.77 8.38 3.45
C ILE A 28 -2.92 8.00 1.98
N SER A 29 -2.25 6.94 1.53
CA SER A 29 -2.30 6.57 0.13
C SER A 29 -2.81 5.15 -0.06
N GLY A 30 -3.66 4.98 -1.06
CA GLY A 30 -4.28 3.69 -1.36
C GLY A 30 -4.00 3.26 -2.78
N ALA A 31 -4.72 2.25 -3.26
CA ALA A 31 -4.36 1.60 -4.51
C ALA A 31 -4.47 2.54 -5.71
N GLY A 32 -5.27 3.60 -5.60
CA GLY A 32 -5.36 4.56 -6.69
C GLY A 32 -4.02 5.19 -7.03
N VAL A 33 -3.12 5.32 -6.06
CA VAL A 33 -1.78 5.83 -6.36
C VAL A 33 -0.98 4.79 -7.15
N SER A 34 -1.08 3.52 -6.75
CA SER A 34 -0.39 2.46 -7.48
C SER A 34 -0.98 2.27 -8.87
N ALA A 35 -2.31 2.34 -8.97
CA ALA A 35 -2.99 2.10 -10.25
C ALA A 35 -2.50 3.07 -11.32
N GLU A 36 -2.24 4.32 -10.94
CA GLU A 36 -1.73 5.29 -11.90
C GLU A 36 -0.36 4.91 -12.45
N SER A 37 0.38 4.04 -11.75
CA SER A 37 1.61 3.48 -12.29
C SER A 37 1.36 2.19 -13.05
N GLY A 38 0.11 1.83 -13.29
CA GLY A 38 -0.18 0.57 -13.96
C GLY A 38 0.13 -0.66 -13.14
N VAL A 39 0.22 -0.53 -11.82
CA VAL A 39 0.40 -1.70 -10.95
C VAL A 39 -0.96 -2.40 -10.84
N PRO A 40 -1.03 -3.69 -11.17
CA PRO A 40 -2.33 -4.38 -11.13
C PRO A 40 -2.73 -4.71 -9.70
N THR A 41 -3.94 -4.28 -9.32
CA THR A 41 -4.50 -4.56 -7.99
C THR A 41 -5.19 -5.91 -7.93
N PHE A 42 -5.65 -6.42 -9.08
CA PHE A 42 -6.52 -7.59 -9.13
C PHE A 42 -7.75 -7.43 -8.24
N ARG A 43 -8.16 -6.19 -8.02
CA ARG A 43 -9.25 -5.85 -7.12
C ARG A 43 -10.54 -5.49 -7.85
N GLY A 44 -10.44 -4.65 -8.89
CA GLY A 44 -11.63 -4.13 -9.53
C GLY A 44 -12.42 -5.19 -10.29
N ALA A 45 -13.58 -4.78 -10.79
CA ALA A 45 -14.40 -5.65 -11.62
C ALA A 45 -13.60 -6.06 -12.85
N GLY A 46 -13.52 -7.37 -13.09
CA GLY A 46 -12.74 -7.90 -14.19
C GLY A 46 -11.24 -7.94 -13.96
N GLY A 47 -10.75 -7.45 -12.82
CA GLY A 47 -9.32 -7.44 -12.55
C GLY A 47 -8.88 -8.75 -11.94
N TYR A 48 -8.40 -9.66 -12.77
CA TYR A 48 -8.18 -11.05 -12.35
C TYR A 48 -6.76 -11.47 -12.66
N TRP A 49 -6.22 -12.31 -11.78
CA TRP A 49 -5.17 -13.25 -12.13
C TRP A 49 -5.89 -14.42 -12.80
N ARG A 50 -5.25 -15.57 -12.96
CA ARG A 50 -5.72 -16.58 -13.91
C ARG A 50 -7.24 -16.78 -13.94
N LYS A 51 -7.81 -17.30 -12.85
CA LYS A 51 -9.25 -17.36 -12.68
C LYS A 51 -9.68 -16.81 -11.34
N TRP A 52 -8.80 -16.08 -10.66
CA TRP A 52 -9.01 -15.59 -9.32
C TRP A 52 -8.69 -14.10 -9.28
N GLN A 53 -9.18 -13.44 -8.24
CA GLN A 53 -8.82 -12.07 -7.89
C GLN A 53 -8.15 -12.08 -6.54
N ALA A 54 -7.70 -10.89 -6.10
CA ALA A 54 -6.97 -10.79 -4.84
C ALA A 54 -7.81 -11.28 -3.67
N GLN A 55 -9.11 -10.98 -3.65
CA GLN A 55 -9.95 -11.46 -2.56
C GLN A 55 -9.97 -12.97 -2.50
N ASP A 56 -9.71 -13.65 -3.62
CA ASP A 56 -9.55 -15.09 -3.57
C ASP A 56 -8.18 -15.47 -2.99
N LEU A 57 -7.10 -14.88 -3.50
CA LEU A 57 -5.78 -15.44 -3.22
C LEU A 57 -5.04 -14.75 -2.08
N ALA A 58 -5.38 -13.49 -1.76
CA ALA A 58 -4.77 -12.78 -0.65
C ALA A 58 -5.52 -13.06 0.66
N THR A 59 -5.63 -14.34 1.02
CA THR A 59 -6.36 -14.68 2.23
C THR A 59 -5.64 -15.80 2.98
N PRO A 60 -5.79 -15.87 4.30
CA PRO A 60 -5.32 -17.07 5.03
C PRO A 60 -5.85 -18.36 4.43
N LEU A 61 -7.10 -18.36 3.96
CA LEU A 61 -7.69 -19.56 3.36
C LEU A 61 -6.89 -20.03 2.17
N ALA A 62 -6.65 -19.13 1.20
CA ALA A 62 -5.89 -19.48 0.01
C ALA A 62 -4.56 -20.10 0.38
N PHE A 63 -3.83 -19.47 1.30
CA PHE A 63 -2.49 -19.95 1.62
C PHE A 63 -2.56 -21.27 2.40
N ALA A 64 -3.64 -21.48 3.14
CA ALA A 64 -3.83 -22.76 3.82
C ALA A 64 -4.17 -23.87 2.84
N HIS A 65 -4.92 -23.57 1.80
CA HIS A 65 -5.30 -24.60 0.84
C HIS A 65 -4.18 -24.88 -0.17
N ASN A 66 -3.64 -23.83 -0.77
CA ASN A 66 -2.74 -23.95 -1.91
C ASN A 66 -1.65 -22.89 -1.81
N PRO A 67 -0.68 -23.09 -0.93
CA PRO A 67 0.40 -22.08 -0.78
C PRO A 67 1.27 -21.94 -2.02
N SER A 68 1.37 -22.98 -2.84
CA SER A 68 2.09 -22.85 -4.10
C SER A 68 1.41 -21.87 -5.04
N ARG A 69 0.08 -21.92 -5.13
CA ARG A 69 -0.65 -21.00 -5.98
C ARG A 69 -0.57 -19.57 -5.44
N VAL A 70 -0.65 -19.40 -4.11
CA VAL A 70 -0.51 -18.06 -3.54
C VAL A 70 0.89 -17.50 -3.83
N TRP A 71 1.91 -18.36 -3.77
CA TRP A 71 3.28 -17.89 -4.06
C TRP A 71 3.45 -17.55 -5.54
N GLU A 72 2.85 -18.33 -6.43
CA GLU A 72 2.85 -18.01 -7.86
C GLU A 72 2.26 -16.64 -8.12
N PHE A 73 1.14 -16.34 -7.46
CA PHE A 73 0.50 -15.05 -7.58
C PHE A 73 1.43 -13.94 -7.09
N TYR A 74 2.01 -14.12 -5.91
CA TYR A 74 2.88 -13.08 -5.38
C TYR A 74 4.19 -13.01 -6.15
N HIS A 75 4.69 -14.15 -6.66
CA HIS A 75 5.86 -14.09 -7.53
C HIS A 75 5.57 -13.26 -8.77
N TYR A 76 4.40 -13.46 -9.38
CA TYR A 76 4.06 -12.67 -10.56
C TYR A 76 4.00 -11.19 -10.21
N ARG A 77 3.46 -10.86 -9.05
CA ARG A 77 3.35 -9.45 -8.67
C ARG A 77 4.72 -8.85 -8.38
N ARG A 78 5.58 -9.61 -7.71
CA ARG A 78 6.96 -9.16 -7.50
C ARG A 78 7.66 -8.90 -8.82
N GLU A 79 7.46 -9.79 -9.80
CA GLU A 79 8.19 -9.71 -11.05
C GLU A 79 7.76 -8.52 -11.88
N VAL A 80 6.45 -8.24 -11.94
CA VAL A 80 5.99 -7.14 -12.78
C VAL A 80 6.45 -5.80 -12.24
N MET A 81 6.78 -5.72 -10.95
CA MET A 81 7.29 -4.46 -10.39
C MET A 81 8.57 -4.01 -11.06
N GLY A 82 9.30 -4.92 -11.74
CA GLY A 82 10.48 -4.51 -12.47
C GLY A 82 10.18 -3.60 -13.64
N SER A 83 8.96 -3.70 -14.18
CA SER A 83 8.54 -2.83 -15.28
C SER A 83 7.70 -1.64 -14.83
N LYS A 84 7.57 -1.41 -13.52
CA LYS A 84 6.73 -0.34 -12.99
C LYS A 84 7.58 0.71 -12.27
N GLU A 85 7.21 1.97 -12.44
CA GLU A 85 7.95 3.10 -11.91
C GLU A 85 6.99 4.01 -11.16
N PRO A 86 7.50 4.84 -10.24
CA PRO A 86 6.63 5.79 -9.56
C PRO A 86 6.10 6.82 -10.54
N ASN A 87 4.88 7.28 -10.27
CA ASN A 87 4.21 8.26 -11.11
C ASN A 87 4.39 9.67 -10.54
N ALA A 88 3.78 10.64 -11.22
CA ALA A 88 3.84 12.04 -10.76
C ALA A 88 3.31 12.19 -9.34
N GLY A 89 2.36 11.36 -8.93
CA GLY A 89 1.85 11.46 -7.57
C GLY A 89 2.88 11.04 -6.55
N HIS A 90 3.51 9.87 -6.77
CA HIS A 90 4.60 9.45 -5.89
C HIS A 90 5.67 10.51 -5.83
N ARG A 91 6.01 11.08 -6.98
CA ARG A 91 7.13 12.03 -7.03
C ARG A 91 6.80 13.32 -6.30
N ALA A 92 5.59 13.86 -6.52
CA ALA A 92 5.23 15.08 -5.80
C ALA A 92 5.26 14.84 -4.30
N ILE A 93 4.75 13.69 -3.86
CA ILE A 93 4.75 13.34 -2.45
C ILE A 93 6.18 13.26 -1.91
N ALA A 94 7.05 12.57 -2.64
CA ALA A 94 8.44 12.46 -2.20
C ALA A 94 9.14 13.81 -2.21
N GLU A 95 8.99 14.56 -3.30
CA GLU A 95 9.65 15.87 -3.36
C GLU A 95 9.13 16.80 -2.26
N CYS A 96 7.85 16.68 -1.91
CA CYS A 96 7.25 17.53 -0.88
C CYS A 96 7.85 17.24 0.49
N GLU A 97 8.01 15.96 0.83
CA GLU A 97 8.64 15.60 2.10
C GLU A 97 10.07 16.14 2.19
N THR A 98 10.80 16.08 1.07
CA THR A 98 12.18 16.55 1.09
C THR A 98 12.25 18.07 1.23
N ARG A 99 11.49 18.80 0.42
CA ARG A 99 11.48 20.26 0.50
C ARG A 99 11.05 20.74 1.88
N LEU A 100 10.00 20.14 2.46
CA LEU A 100 9.52 20.59 3.76
C LEU A 100 10.45 20.15 4.89
N GLY A 101 11.08 18.99 4.74
CA GLY A 101 12.04 18.54 5.75
C GLY A 101 13.14 19.54 6.00
N LYS A 102 13.64 20.16 4.93
CA LYS A 102 14.67 21.19 5.07
C LYS A 102 14.16 22.37 5.90
N GLN A 103 12.86 22.63 5.85
CA GLN A 103 12.21 23.71 6.58
C GLN A 103 11.81 23.31 7.99
N GLY A 104 12.22 22.13 8.45
CA GLY A 104 11.79 21.63 9.74
C GLY A 104 10.32 21.26 9.82
N ARG A 105 9.73 20.90 8.69
CA ARG A 105 8.32 20.50 8.64
C ARG A 105 8.22 19.03 8.26
N ARG A 106 7.32 18.31 8.92
CA ARG A 106 7.25 16.86 8.85
C ARG A 106 6.18 16.44 7.85
N VAL A 107 6.52 15.46 7.00
CA VAL A 107 5.57 14.82 6.10
C VAL A 107 5.73 13.31 6.28
N VAL A 108 4.62 12.62 6.51
CA VAL A 108 4.66 11.18 6.66
C VAL A 108 3.60 10.55 5.76
N VAL A 109 3.98 9.47 5.09
CA VAL A 109 3.08 8.74 4.20
C VAL A 109 2.64 7.47 4.93
N ILE A 110 1.33 7.27 5.02
CA ILE A 110 0.76 6.04 5.54
C ILE A 110 0.14 5.34 4.34
N THR A 111 0.72 4.21 3.93
CA THR A 111 0.24 3.60 2.70
C THR A 111 -0.31 2.21 2.95
N LEU A 112 -1.44 1.94 2.29
CA LEU A 112 -1.99 0.59 2.17
C LEU A 112 -1.33 -0.18 1.05
N ASN A 113 -0.54 0.49 0.20
CA ASN A 113 0.07 -0.16 -0.95
C ASN A 113 1.27 -1.01 -0.53
N ILE A 114 1.47 -2.10 -1.25
CA ILE A 114 2.51 -3.07 -0.92
C ILE A 114 3.61 -3.11 -1.95
N ASP A 115 3.56 -2.23 -2.95
CA ASP A 115 4.46 -2.25 -4.10
C ASP A 115 5.75 -1.45 -3.88
N GLU A 116 5.88 -0.72 -2.76
CA GLU A 116 7.05 0.04 -2.38
C GLU A 116 7.37 1.21 -3.31
N LEU A 117 6.46 1.57 -4.22
CA LEU A 117 6.78 2.64 -5.17
C LEU A 117 7.01 3.98 -4.48
N HIS A 118 6.38 4.22 -3.32
CA HIS A 118 6.67 5.42 -2.53
C HIS A 118 8.15 5.46 -2.17
N ARG A 119 8.67 4.33 -1.70
CA ARG A 119 10.10 4.22 -1.42
C ARG A 119 10.92 4.49 -2.66
N LYS A 120 10.57 3.84 -3.78
CA LYS A 120 11.35 3.99 -5.00
C LYS A 120 11.41 5.44 -5.44
N ALA A 121 10.38 6.21 -5.08
CA ALA A 121 10.34 7.63 -5.43
C ALA A 121 11.19 8.48 -4.50
N GLY A 122 11.59 7.94 -3.35
CA GLY A 122 12.40 8.68 -2.40
C GLY A 122 11.74 9.00 -1.07
N THR A 123 10.50 8.59 -0.85
CA THR A 123 9.87 8.84 0.44
C THR A 123 10.63 8.09 1.54
N LYS A 124 11.05 8.83 2.56
CA LYS A 124 11.73 8.26 3.72
C LYS A 124 10.79 8.01 4.89
N ASN A 125 9.81 8.89 5.12
CA ASN A 125 8.93 8.77 6.28
C ASN A 125 7.69 7.99 5.84
N LEU A 126 7.77 6.67 5.92
CA LEU A 126 6.78 5.79 5.30
C LEU A 126 6.30 4.78 6.32
N LEU A 127 4.99 4.55 6.36
CA LEU A 127 4.40 3.50 7.19
C LEU A 127 3.61 2.59 6.27
N GLU A 128 4.12 1.38 6.03
CA GLU A 128 3.47 0.42 5.13
C GLU A 128 2.59 -0.48 5.98
N ILE A 129 1.30 -0.10 6.11
CA ILE A 129 0.43 -0.77 7.08
C ILE A 129 -0.03 -2.15 6.61
N HIS A 130 0.07 -2.45 5.32
CA HIS A 130 -0.29 -3.75 4.77
C HIS A 130 0.94 -4.58 4.39
N GLY A 131 2.13 -4.15 4.77
CA GLY A 131 3.34 -4.90 4.45
C GLY A 131 3.87 -4.60 3.06
N SER A 132 4.60 -5.57 2.51
CA SER A 132 5.34 -5.35 1.28
C SER A 132 5.46 -6.65 0.49
N LEU A 133 5.30 -6.54 -0.83
CA LEU A 133 5.65 -7.61 -1.76
C LEU A 133 7.10 -8.07 -1.60
N PHE A 134 7.96 -7.22 -1.09
CA PHE A 134 9.40 -7.48 -0.98
C PHE A 134 9.82 -7.76 0.45
N LYS A 135 8.92 -8.31 1.25
CA LYS A 135 9.25 -8.81 2.58
C LYS A 135 8.62 -10.19 2.75
N THR A 136 9.31 -11.04 3.50
CA THR A 136 8.82 -12.38 3.81
C THR A 136 8.60 -12.47 5.31
N ARG A 137 7.75 -13.40 5.71
CA ARG A 137 7.63 -13.74 7.11
C ARG A 137 7.58 -15.26 7.20
N CYS A 138 8.24 -15.79 8.23
CA CYS A 138 8.28 -17.24 8.41
C CYS A 138 7.09 -17.70 9.22
N THR A 139 6.36 -18.68 8.68
CA THR A 139 5.16 -19.16 9.34
C THR A 139 5.44 -19.96 10.60
N SER A 140 6.71 -20.22 10.89
CA SER A 140 7.12 -20.98 12.08
C SER A 140 7.71 -20.09 13.15
N CYS A 141 8.75 -19.32 12.83
CA CYS A 141 9.43 -18.49 13.81
C CYS A 141 8.98 -17.04 13.82
N GLY A 142 8.27 -16.59 12.77
CA GLY A 142 7.77 -15.23 12.71
C GLY A 142 8.73 -14.18 12.18
N VAL A 143 9.99 -14.55 11.92
CA VAL A 143 11.00 -13.57 11.51
C VAL A 143 10.62 -12.94 10.18
N VAL A 144 10.80 -11.61 10.09
CA VAL A 144 10.50 -10.85 8.88
C VAL A 144 11.81 -10.46 8.24
N ALA A 145 11.90 -10.62 6.92
CA ALA A 145 13.12 -10.28 6.18
C ALA A 145 12.73 -9.59 4.90
N GLU A 146 13.61 -8.70 4.44
CA GLU A 146 13.51 -8.12 3.12
C GLU A 146 14.01 -9.13 2.09
N ASN A 147 13.37 -9.15 0.92
CA ASN A 147 13.73 -10.11 -0.12
C ASN A 147 13.34 -9.51 -1.46
N TYR A 148 14.33 -9.21 -2.29
CA TYR A 148 14.09 -8.70 -3.62
C TYR A 148 14.49 -9.67 -4.72
N LYS A 149 14.74 -10.93 -4.39
CA LYS A 149 15.37 -11.84 -5.36
C LYS A 149 14.38 -12.27 -6.44
N SER A 150 14.81 -12.17 -7.69
CA SER A 150 14.04 -12.62 -8.84
C SER A 150 14.74 -13.83 -9.45
N PRO A 151 14.16 -15.04 -9.37
CA PRO A 151 12.93 -15.35 -8.64
C PRO A 151 13.23 -15.65 -7.17
N ILE A 152 12.24 -15.46 -6.31
CA ILE A 152 12.42 -15.68 -4.87
C ILE A 152 12.94 -17.08 -4.55
N CYS A 153 12.58 -18.09 -5.35
CA CYS A 153 13.18 -19.40 -5.17
C CYS A 153 13.26 -20.08 -6.54
N PRO A 154 14.19 -21.03 -6.72
CA PRO A 154 14.36 -21.60 -8.05
C PRO A 154 13.11 -22.26 -8.60
N ALA A 155 12.30 -22.89 -7.76
CA ALA A 155 11.10 -23.57 -8.25
C ALA A 155 10.10 -22.62 -8.87
N LEU A 156 10.16 -21.33 -8.53
CA LEU A 156 9.29 -20.31 -9.11
C LEU A 156 9.85 -19.68 -10.38
N SER A 157 11.03 -20.10 -10.82
CA SER A 157 11.62 -19.54 -12.03
C SER A 157 10.66 -19.74 -13.20
N GLY A 158 10.33 -18.64 -13.90
CA GLY A 158 9.43 -18.73 -15.03
C GLY A 158 7.98 -19.01 -14.71
N LYS A 159 7.60 -19.14 -13.44
CA LYS A 159 6.21 -19.44 -13.08
C LYS A 159 5.44 -18.14 -12.84
N GLY A 160 4.20 -18.27 -12.37
CA GLY A 160 3.36 -17.12 -12.08
C GLY A 160 2.66 -16.50 -13.27
N ALA A 161 2.74 -17.11 -14.45
CA ALA A 161 2.13 -16.51 -15.63
C ALA A 161 0.65 -16.26 -15.37
N PRO A 162 0.11 -15.12 -15.81
CA PRO A 162 -1.25 -14.73 -15.44
C PRO A 162 -2.35 -15.16 -16.42
N GLU A 163 -2.00 -15.76 -17.56
CA GLU A 163 -2.98 -16.02 -18.59
C GLU A 163 -4.00 -17.06 -18.12
N PRO A 164 -5.27 -16.92 -18.49
CA PRO A 164 -6.25 -17.95 -18.16
C PRO A 164 -5.83 -19.29 -18.74
N GLY A 165 -6.00 -20.35 -17.94
CA GLY A 165 -5.66 -21.68 -18.38
C GLY A 165 -4.24 -22.13 -18.06
N THR A 166 -3.45 -21.27 -17.42
CA THR A 166 -2.11 -21.65 -17.01
C THR A 166 -2.18 -22.70 -15.90
N GLN A 167 -1.40 -23.78 -16.05
CA GLN A 167 -1.46 -24.86 -15.07
C GLN A 167 -0.80 -24.43 -13.76
N ASP A 168 -1.34 -24.90 -12.64
CA ASP A 168 -0.73 -24.58 -11.35
C ASP A 168 0.66 -25.18 -11.29
N ALA A 169 1.62 -24.41 -10.77
CA ALA A 169 2.97 -24.95 -10.65
C ALA A 169 3.01 -26.13 -9.69
N SER A 170 2.13 -26.14 -8.68
CA SER A 170 2.03 -27.25 -7.74
C SER A 170 3.40 -27.59 -7.14
N ILE A 171 4.08 -26.55 -6.70
CA ILE A 171 5.42 -26.73 -6.13
C ILE A 171 5.27 -27.39 -4.77
N PRO A 172 5.96 -28.50 -4.48
CA PRO A 172 5.91 -29.05 -3.13
C PRO A 172 6.38 -28.02 -2.12
N VAL A 173 5.72 -27.99 -0.97
CA VAL A 173 5.91 -26.89 -0.03
C VAL A 173 7.37 -26.80 0.43
N GLU A 174 8.10 -27.91 0.39
CA GLU A 174 9.52 -27.87 0.72
C GLU A 174 10.31 -27.07 -0.29
N LYS A 175 9.85 -26.99 -1.53
CA LYS A 175 10.53 -26.23 -2.58
C LYS A 175 10.02 -24.79 -2.70
N LEU A 176 9.06 -24.36 -1.88
CA LEU A 176 8.68 -22.97 -1.79
C LEU A 176 9.71 -22.22 -0.96
N PRO A 177 9.64 -20.88 -0.89
CA PRO A 177 10.65 -20.15 -0.11
C PRO A 177 10.66 -20.61 1.34
N ARG A 178 11.86 -20.82 1.86
CA ARG A 178 12.07 -21.42 3.17
C ARG A 178 12.86 -20.46 4.05
N CYS A 179 12.54 -20.44 5.34
CA CYS A 179 13.28 -19.62 6.29
C CYS A 179 14.74 -20.05 6.36
N GLU A 180 15.65 -19.11 6.14
CA GLU A 180 17.08 -19.39 6.24
C GLU A 180 17.65 -19.11 7.63
N GLU A 181 16.80 -18.74 8.59
CA GLU A 181 17.26 -18.55 9.96
C GLU A 181 17.84 -19.87 10.47
N ALA A 182 19.00 -19.78 11.12
CA ALA A 182 19.67 -20.98 11.62
C ALA A 182 18.69 -21.82 12.43
N GLY A 183 18.44 -23.04 11.93
CA GLY A 183 17.66 -24.01 12.64
C GLY A 183 16.16 -23.97 12.41
N CYS A 184 15.65 -23.03 11.60
CA CYS A 184 14.21 -23.02 11.40
C CYS A 184 13.79 -23.77 10.14
N GLY A 185 14.10 -23.22 8.97
CA GLY A 185 13.68 -23.80 7.72
C GLY A 185 12.19 -23.91 7.50
N GLY A 186 11.39 -23.14 8.23
CA GLY A 186 9.96 -23.15 8.04
C GLY A 186 9.52 -22.49 6.73
N LEU A 187 8.22 -22.61 6.47
CA LEU A 187 7.65 -22.12 5.22
C LEU A 187 7.44 -20.61 5.29
N LEU A 188 7.94 -19.91 4.29
CA LEU A 188 7.75 -18.46 4.21
C LEU A 188 6.45 -18.11 3.52
N ARG A 189 5.85 -17.01 3.97
CA ARG A 189 4.72 -16.37 3.32
C ARG A 189 5.10 -14.94 2.98
N PRO A 190 4.42 -14.31 2.04
CA PRO A 190 4.60 -12.87 1.86
C PRO A 190 4.22 -12.15 3.16
N HIS A 191 5.05 -11.18 3.53
CA HIS A 191 4.77 -10.33 4.69
C HIS A 191 3.81 -9.25 4.22
N VAL A 192 2.59 -9.69 3.94
CA VAL A 192 1.50 -8.84 3.48
C VAL A 192 0.30 -9.14 4.35
N VAL A 193 -0.41 -8.10 4.78
CA VAL A 193 -1.64 -8.31 5.53
C VAL A 193 -2.72 -8.78 4.57
N TRP A 194 -3.27 -9.95 4.84
CA TRP A 194 -4.34 -10.50 4.02
C TRP A 194 -5.69 -10.15 4.62
N PHE A 195 -6.73 -10.26 3.79
CA PHE A 195 -8.08 -9.95 4.24
C PHE A 195 -8.42 -10.82 5.44
N GLY A 196 -9.00 -10.19 6.47
CA GLY A 196 -9.35 -10.87 7.70
C GLY A 196 -8.25 -10.95 8.73
N GLU A 197 -7.03 -10.52 8.40
CA GLU A 197 -5.93 -10.52 9.34
C GLU A 197 -5.81 -9.17 10.02
N ASN A 198 -5.29 -9.18 11.23
CA ASN A 198 -5.08 -7.96 12.01
C ASN A 198 -3.84 -7.23 11.51
N LEU A 199 -3.91 -5.90 11.57
CA LEU A 199 -2.71 -5.13 11.32
C LEU A 199 -1.79 -5.24 12.53
N ASP A 200 -0.51 -4.98 12.28
CA ASP A 200 0.52 -5.03 13.32
C ASP A 200 0.25 -3.95 14.37
N PRO A 201 0.07 -4.31 15.63
CA PRO A 201 -0.21 -3.28 16.63
C PRO A 201 0.90 -2.24 16.78
N ALA A 202 2.15 -2.65 16.61
CA ALA A 202 3.26 -1.68 16.63
C ALA A 202 3.07 -0.64 15.54
N ILE A 203 2.72 -1.07 14.33
CA ILE A 203 2.50 -0.13 13.24
C ILE A 203 1.30 0.78 13.54
N LEU A 204 0.22 0.20 14.06
CA LEU A 204 -0.95 1.02 14.39
C LEU A 204 -0.62 2.03 15.46
N GLU A 205 0.27 1.68 16.41
CA GLU A 205 0.69 2.66 17.40
C GLU A 205 1.40 3.83 16.74
N GLU A 206 2.29 3.55 15.78
CA GLU A 206 2.95 4.61 15.04
C GLU A 206 1.95 5.46 14.26
N VAL A 207 1.03 4.80 13.55
CA VAL A 207 -0.01 5.53 12.82
C VAL A 207 -0.76 6.46 13.76
N ASP A 208 -1.18 5.96 14.92
CA ASP A 208 -1.90 6.78 15.89
C ASP A 208 -1.09 8.01 16.30
N ARG A 209 0.22 7.84 16.51
CA ARG A 209 1.06 8.97 16.90
C ARG A 209 1.03 10.07 15.84
N GLU A 210 1.17 9.70 14.57
CA GLU A 210 1.12 10.68 13.50
C GLU A 210 -0.27 11.32 13.40
N LEU A 211 -1.33 10.51 13.51
CA LEU A 211 -2.68 11.05 13.40
C LEU A 211 -2.98 12.03 14.52
N ALA A 212 -2.44 11.78 15.72
CA ALA A 212 -2.75 12.64 16.85
C ALA A 212 -1.98 13.95 16.84
N HIS A 213 -0.87 14.04 16.08
CA HIS A 213 -0.05 15.24 16.10
C HIS A 213 -0.07 16.01 14.78
N CYS A 214 -0.64 15.47 13.72
CA CYS A 214 -0.60 16.18 12.44
C CYS A 214 -1.52 17.39 12.46
N ASP A 215 -1.23 18.34 11.58
CA ASP A 215 -2.04 19.52 11.41
C ASP A 215 -2.66 19.63 10.02
N LEU A 216 -2.42 18.66 9.15
CA LEU A 216 -3.04 18.62 7.83
C LEU A 216 -2.97 17.19 7.33
N CYS A 217 -4.04 16.73 6.67
CA CYS A 217 -4.15 15.33 6.30
C CYS A 217 -4.68 15.20 4.89
N LEU A 218 -3.99 14.40 4.07
CA LEU A 218 -4.42 14.11 2.72
C LEU A 218 -4.76 12.63 2.60
N VAL A 219 -5.87 12.34 1.93
CA VAL A 219 -6.29 10.97 1.65
C VAL A 219 -6.35 10.82 0.14
N VAL A 220 -5.42 10.05 -0.43
CA VAL A 220 -5.18 10.01 -1.86
C VAL A 220 -5.39 8.59 -2.37
N GLY A 221 -6.29 8.44 -3.33
CA GLY A 221 -6.43 7.18 -4.06
C GLY A 221 -6.89 6.00 -3.23
N THR A 222 -7.80 6.18 -2.29
CA THR A 222 -8.37 5.05 -1.59
C THR A 222 -9.89 5.16 -1.52
N SER A 223 -10.56 4.02 -1.67
CA SER A 223 -12.01 3.95 -1.64
C SER A 223 -12.58 4.22 -0.25
N SER A 224 -11.73 4.19 0.78
CA SER A 224 -12.16 4.40 2.16
C SER A 224 -13.21 3.38 2.60
N VAL A 225 -13.09 2.16 2.09
CA VAL A 225 -13.88 1.05 2.59
C VAL A 225 -13.05 -0.03 3.26
N VAL A 226 -11.74 -0.07 3.05
CA VAL A 226 -10.88 -1.02 3.74
C VAL A 226 -10.57 -0.46 5.13
N TYR A 227 -10.91 -1.25 6.14
CA TYR A 227 -10.74 -0.94 7.54
C TYR A 227 -9.52 -1.66 8.09
N PRO A 228 -8.92 -1.13 9.18
CA PRO A 228 -9.30 0.11 9.85
C PRO A 228 -8.75 1.37 9.19
N ALA A 229 -8.13 1.21 8.02
CA ALA A 229 -7.57 2.34 7.29
C ALA A 229 -8.64 3.38 6.94
N ALA A 230 -9.86 2.94 6.67
CA ALA A 230 -10.93 3.87 6.34
C ALA A 230 -11.32 4.77 7.52
N MET A 231 -10.89 4.46 8.74
CA MET A 231 -11.20 5.29 9.90
C MET A 231 -10.10 6.31 10.24
N PHE A 232 -8.94 6.26 9.57
CA PHE A 232 -7.83 7.14 9.96
C PHE A 232 -8.19 8.62 9.78
N ALA A 233 -8.58 9.00 8.57
CA ALA A 233 -8.90 10.41 8.33
C ALA A 233 -10.05 10.95 9.19
N PRO A 234 -11.08 10.18 9.54
CA PRO A 234 -12.10 10.70 10.46
C PRO A 234 -11.57 11.11 11.83
N GLN A 235 -10.70 10.31 12.45
CA GLN A 235 -10.20 10.72 13.76
C GLN A 235 -9.28 11.93 13.65
N VAL A 236 -8.80 12.24 12.45
CA VAL A 236 -8.05 13.48 12.24
C VAL A 236 -8.99 14.68 12.21
N ALA A 237 -10.05 14.60 11.39
CA ALA A 237 -10.98 15.73 11.30
C ALA A 237 -11.62 16.05 12.64
N ALA A 238 -11.76 15.05 13.52
CA ALA A 238 -12.34 15.24 14.84
C ALA A 238 -11.63 16.35 15.62
N ARG A 239 -10.31 16.40 15.53
CA ARG A 239 -9.58 17.50 16.15
C ARG A 239 -9.80 18.82 15.45
N GLY A 240 -10.60 18.87 14.39
CA GLY A 240 -10.69 20.05 13.56
C GLY A 240 -9.65 20.15 12.45
N VAL A 241 -8.85 19.12 12.25
CA VAL A 241 -7.75 19.19 11.27
C VAL A 241 -8.33 19.04 9.87
N PRO A 242 -7.93 19.87 8.91
CA PRO A 242 -8.46 19.74 7.54
C PRO A 242 -8.02 18.43 6.91
N VAL A 243 -8.97 17.74 6.29
CA VAL A 243 -8.71 16.54 5.51
C VAL A 243 -9.07 16.85 4.06
N ALA A 244 -8.17 16.51 3.15
CA ALA A 244 -8.35 16.74 1.72
C ALA A 244 -8.27 15.39 1.03
N GLU A 245 -9.29 15.08 0.23
CA GLU A 245 -9.39 13.80 -0.45
C GLU A 245 -9.07 13.99 -1.92
N PHE A 246 -8.16 13.16 -2.44
CA PHE A 246 -7.76 13.16 -3.85
C PHE A 246 -8.17 11.82 -4.44
N ASN A 247 -9.27 11.80 -5.21
CA ASN A 247 -9.76 10.56 -5.77
C ASN A 247 -10.40 10.86 -7.11
N THR A 248 -10.40 9.87 -8.00
CA THR A 248 -11.08 10.02 -9.27
C THR A 248 -12.59 10.05 -9.11
N GLU A 249 -13.10 9.61 -7.98
CA GLU A 249 -14.53 9.61 -7.75
C GLU A 249 -14.79 9.75 -6.25
N THR A 250 -16.01 10.18 -5.93
CA THR A 250 -16.41 10.25 -4.54
C THR A 250 -16.44 8.86 -3.91
N THR A 251 -16.22 8.81 -2.60
CA THR A 251 -16.23 7.55 -1.84
C THR A 251 -17.29 7.67 -0.76
N PRO A 252 -17.58 6.59 0.00
CA PRO A 252 -18.54 6.74 1.11
C PRO A 252 -18.08 7.69 2.21
N ALA A 253 -16.80 8.07 2.22
CA ALA A 253 -16.22 8.98 3.20
C ALA A 253 -16.07 10.40 2.69
N THR A 254 -16.45 10.66 1.42
CA THR A 254 -16.21 11.98 0.82
C THR A 254 -16.83 13.10 1.66
N ASN A 255 -18.12 12.97 2.00
CA ASN A 255 -18.86 14.04 2.65
C ASN A 255 -18.39 14.34 4.07
N ARG A 256 -17.33 13.68 4.53
CA ARG A 256 -16.79 13.91 5.85
C ARG A 256 -15.44 14.62 5.81
N PHE A 257 -15.07 15.19 4.67
CA PHE A 257 -13.76 15.76 4.46
C PHE A 257 -13.88 17.24 4.14
N ARG A 258 -12.81 17.99 4.39
CA ARG A 258 -12.87 19.42 4.10
C ARG A 258 -12.79 19.69 2.60
N PHE A 259 -11.94 18.95 1.89
CA PHE A 259 -11.79 19.15 0.45
C PHE A 259 -12.00 17.85 -0.29
N HIS A 260 -12.62 17.92 -1.47
CA HIS A 260 -12.60 16.82 -2.42
C HIS A 260 -12.08 17.35 -3.75
N PHE A 261 -10.89 16.91 -4.15
CA PHE A 261 -10.30 17.25 -5.43
C PHE A 261 -10.42 16.03 -6.32
N GLN A 262 -11.34 16.08 -7.29
CA GLN A 262 -11.62 14.93 -8.12
C GLN A 262 -10.68 14.87 -9.30
N GLY A 263 -10.19 13.67 -9.59
CA GLY A 263 -9.28 13.45 -10.70
C GLY A 263 -8.19 12.48 -10.34
N PRO A 264 -7.33 12.17 -11.31
CA PRO A 264 -6.18 11.29 -11.02
C PRO A 264 -5.21 11.97 -10.05
N CYS A 265 -4.76 11.20 -9.04
CA CYS A 265 -3.81 11.70 -8.06
C CYS A 265 -2.61 12.37 -8.72
N GLY A 266 -2.06 11.74 -9.76
CA GLY A 266 -0.91 12.29 -10.49
C GLY A 266 -1.20 13.58 -11.23
N THR A 267 -2.46 13.96 -11.36
CA THR A 267 -2.79 15.25 -11.96
C THR A 267 -2.97 16.33 -10.90
N THR A 268 -3.64 16.01 -9.79
CA THR A 268 -3.96 17.00 -8.76
C THR A 268 -2.85 17.17 -7.73
N LEU A 269 -2.16 16.09 -7.35
CA LEU A 269 -1.16 16.17 -6.30
C LEU A 269 -0.03 17.15 -6.59
N PRO A 270 0.56 17.19 -7.79
CA PRO A 270 1.65 18.15 -8.01
C PRO A 270 1.23 19.59 -7.80
N GLU A 271 0.01 19.97 -8.23
CA GLU A 271 -0.46 21.32 -7.95
C GLU A 271 -0.61 21.54 -6.44
N ALA A 272 -1.20 20.57 -5.75
CA ALA A 272 -1.50 20.74 -4.33
C ALA A 272 -0.23 20.88 -3.50
N LEU A 273 0.78 20.05 -3.78
CA LEU A 273 1.99 20.03 -2.97
C LEU A 273 3.09 20.94 -3.50
N ALA A 274 2.79 21.75 -4.51
CA ALA A 274 3.78 22.60 -5.17
C ALA A 274 4.47 23.59 -4.22
N PHE B 5 -6.81 -4.03 14.94
CA PHE B 5 -8.01 -4.36 14.17
C PHE B 5 -7.68 -5.06 12.85
N SER B 6 -8.68 -5.75 12.31
CA SER B 6 -8.51 -6.62 11.16
C SER B 6 -8.71 -5.87 9.84
N GLN B 8 -10.33 -5.29 6.42
CA GLN B 8 -11.70 -5.52 5.96
C GLN B 8 -11.83 -6.65 4.95
#